data_7WTH
#
_entry.id   7WTH
#
_cell.length_a   1.00
_cell.length_b   1.00
_cell.length_c   1.00
_cell.angle_alpha   90.00
_cell.angle_beta   90.00
_cell.angle_gamma   90.00
#
_symmetry.space_group_name_H-M   'P 1'
#
loop_
_entity.id
_entity.type
_entity.pdbx_description
1 polymer 'Spike protein S1'
2 polymer 'Light chain of XGv264'
3 polymer 'Heavy chain of XGv264'
#
loop_
_entity_poly.entity_id
_entity_poly.type
_entity_poly.pdbx_seq_one_letter_code
_entity_poly.pdbx_strand_id
1 'polypeptide(L)'
;PNITNLCPFDEVFNATRFASVYAWNRKRISNCVADYSVLYNLAPFFTFKCYGVSPTKLNDLCFTNVYADSFVIRGDEVRQ
IAPGQTGNIADYNYKLPDDFTGCVIAWNSNKLDSKVSGNYNYLYRLFRKSNLKPFERDISTEIYQAGNKPCNGVAGFNCY
FPLRSYSFRPTYGVGHQPYRVVVLSFELLHAPATVCGPKKS
;
E
2 'polypeptide(L)'
;ALTQPASVSGSPGQSITVSCTGTSSDLGNFQYVSWYQHHPGKAPKLLIYEVSKRPSGVSNRFSGSKSGNTASLTISGLQA
EDEADYYCCSYTTTTIPVAFGGGTRL
;
L
3 'polypeptide(L)'
;ITLKESGPTLVKPTQTLTLTCAFSGFSLNTGGAGVGWIRQPPGKALEWLALIYWDGDKRYNPSLKSRLAIIMDTSKNRVV
LTMTNMDPVDTATYYCAHHKIEYIFDYWGQGTLVAVSS
;
H
#
# COMPACT_ATOMS: atom_id res chain seq x y z
N ILE A 3 33.59 -7.10 18.48
CA ILE A 3 33.79 -7.54 17.10
C ILE A 3 33.01 -8.81 16.84
N THR A 4 31.98 -8.72 16.01
CA THR A 4 31.12 -9.86 15.71
C THR A 4 30.45 -9.60 14.36
N ASN A 5 29.42 -10.39 14.06
CA ASN A 5 28.70 -10.26 12.80
C ASN A 5 27.87 -8.98 12.79
N LEU A 6 27.23 -8.73 11.66
CA LEU A 6 26.38 -7.55 11.52
C LEU A 6 25.13 -7.69 12.38
N CYS A 7 24.91 -6.71 13.26
CA CYS A 7 23.72 -6.69 14.07
C CYS A 7 22.50 -6.37 13.20
N PRO A 8 21.32 -6.94 13.54
CA PRO A 8 20.17 -6.97 12.62
C PRO A 8 19.51 -5.62 12.38
N PHE A 9 20.14 -4.79 11.54
CA PHE A 9 19.45 -3.63 11.00
C PHE A 9 18.30 -4.04 10.08
N ASP A 10 18.33 -5.27 9.56
CA ASP A 10 17.27 -5.77 8.70
C ASP A 10 15.95 -5.98 9.46
N GLU A 11 15.97 -5.95 10.79
CA GLU A 11 14.76 -6.04 11.57
C GLU A 11 14.13 -4.65 11.77
N VAL A 12 14.97 -3.66 12.11
CA VAL A 12 14.45 -2.31 12.33
C VAL A 12 14.04 -1.66 11.02
N PHE A 13 14.84 -1.82 9.97
CA PHE A 13 14.58 -1.14 8.71
C PHE A 13 13.71 -1.93 7.74
N ASN A 14 13.42 -3.21 8.03
CA ASN A 14 12.63 -4.02 7.12
C ASN A 14 11.58 -4.83 7.85
N ALA A 15 11.02 -4.28 8.93
CA ALA A 15 9.94 -4.95 9.63
C ALA A 15 8.67 -4.93 8.80
N THR A 16 7.83 -5.95 9.00
CA THR A 16 6.60 -6.05 8.23
C THR A 16 5.59 -4.98 8.64
N ARG A 17 5.61 -4.57 9.91
CA ARG A 17 4.69 -3.56 10.40
C ARG A 17 5.43 -2.60 11.31
N PHE A 18 4.94 -1.37 11.36
CA PHE A 18 5.53 -0.33 12.20
C PHE A 18 4.54 0.10 13.27
N ALA A 19 5.08 0.43 14.45
CA ALA A 19 4.25 0.85 15.56
C ALA A 19 3.61 2.20 15.28
N SER A 20 2.46 2.43 15.91
CA SER A 20 1.75 3.70 15.74
C SER A 20 2.53 4.84 16.39
N VAL A 21 2.16 6.07 16.01
CA VAL A 21 2.90 7.24 16.46
C VAL A 21 2.72 7.46 17.97
N TYR A 22 1.53 7.19 18.50
CA TYR A 22 1.27 7.45 19.90
C TYR A 22 1.98 6.46 20.82
N ALA A 23 2.38 5.30 20.30
CA ALA A 23 3.07 4.27 21.07
C ALA A 23 4.21 3.74 20.21
N TRP A 24 5.40 4.32 20.37
CA TRP A 24 6.57 3.96 19.57
C TRP A 24 7.48 3.06 20.39
N ASN A 25 7.97 1.99 19.76
CA ASN A 25 8.82 1.02 20.41
C ASN A 25 10.30 1.36 20.23
N ARG A 26 11.13 0.81 21.10
CA ARG A 26 12.57 0.97 21.05
C ARG A 26 13.24 -0.38 20.98
N LYS A 27 14.28 -0.48 20.14
CA LYS A 27 15.05 -1.70 19.98
C LYS A 27 16.52 -1.36 20.23
N ARG A 28 16.99 -1.64 21.45
CA ARG A 28 18.37 -1.35 21.81
C ARG A 28 19.31 -2.26 21.02
N ILE A 29 20.28 -1.67 20.35
CA ILE A 29 21.27 -2.42 19.58
C ILE A 29 22.64 -2.23 20.23
N SER A 30 23.32 -3.34 20.49
CA SER A 30 24.62 -3.29 21.13
C SER A 30 25.43 -4.52 20.73
N ASN A 31 26.75 -4.41 20.90
CA ASN A 31 27.69 -5.49 20.63
C ASN A 31 27.59 -5.96 19.18
N CYS A 32 27.90 -5.04 18.27
CA CYS A 32 27.93 -5.36 16.85
C CYS A 32 28.88 -4.38 16.17
N VAL A 33 29.30 -4.74 14.96
CA VAL A 33 30.07 -3.85 14.09
C VAL A 33 29.22 -3.58 12.86
N ALA A 34 28.84 -2.33 12.67
CA ALA A 34 27.92 -1.96 11.59
C ALA A 34 28.50 -0.79 10.81
N ASP A 35 28.44 -0.91 9.48
CA ASP A 35 28.86 0.15 8.58
C ASP A 35 27.64 0.71 7.87
N TYR A 36 27.49 2.03 7.91
CA TYR A 36 26.34 2.70 7.30
C TYR A 36 26.53 2.81 5.79
N SER A 37 26.42 1.65 5.13
CA SER A 37 26.52 1.55 3.68
C SER A 37 25.32 0.89 3.03
N VAL A 38 24.64 -0.03 3.72
CA VAL A 38 23.49 -0.70 3.14
C VAL A 38 22.28 0.21 3.08
N LEU A 39 22.32 1.35 3.77
CA LEU A 39 21.17 2.25 3.78
C LEU A 39 20.85 2.78 2.38
N TYR A 40 21.89 3.13 1.61
CA TYR A 40 21.69 3.73 0.29
C TYR A 40 21.05 2.77 -0.70
N ASN A 41 21.00 1.47 -0.40
CA ASN A 41 20.41 0.47 -1.29
C ASN A 41 18.98 0.12 -0.91
N LEU A 42 18.27 1.05 -0.25
CA LEU A 42 16.91 0.79 0.23
C LEU A 42 15.85 1.36 -0.70
N ALA A 43 15.88 2.67 -0.91
CA ALA A 43 14.85 3.36 -1.69
C ALA A 43 15.28 4.81 -1.86
N PRO A 44 14.67 5.53 -2.82
CA PRO A 44 14.93 6.98 -2.90
C PRO A 44 14.43 7.71 -1.67
N PHE A 45 15.36 8.27 -0.90
CA PHE A 45 15.01 8.92 0.36
C PHE A 45 14.41 10.29 0.10
N PHE A 46 13.23 10.55 0.68
CA PHE A 46 12.66 11.89 0.63
C PHE A 46 13.54 12.89 1.37
N THR A 47 14.03 12.51 2.55
CA THR A 47 15.05 13.26 3.26
C THR A 47 16.05 12.29 3.87
N PHE A 48 17.30 12.75 4.01
CA PHE A 48 18.34 12.01 4.70
C PHE A 48 19.19 12.98 5.52
N LYS A 49 18.60 14.11 5.89
CA LYS A 49 19.34 15.14 6.61
C LYS A 49 19.82 14.61 7.96
N CYS A 50 21.06 14.97 8.32
CA CYS A 50 21.65 14.54 9.58
C CYS A 50 22.05 15.76 10.39
N TYR A 51 21.73 15.74 11.68
CA TYR A 51 21.83 16.91 12.54
C TYR A 51 23.09 16.94 13.40
N GLY A 52 23.78 15.81 13.56
CA GLY A 52 24.94 15.79 14.43
C GLY A 52 26.25 15.51 13.72
N VAL A 53 26.20 14.72 12.66
CA VAL A 53 27.37 14.36 11.87
C VAL A 53 26.95 14.29 10.41
N SER A 54 27.92 13.98 9.54
CA SER A 54 27.65 13.80 8.13
C SER A 54 27.62 12.32 7.79
N PRO A 55 26.69 11.88 6.94
CA PRO A 55 26.61 10.45 6.63
C PRO A 55 27.88 9.89 6.01
N THR A 56 28.63 10.70 5.26
CA THR A 56 29.84 10.20 4.60
C THR A 56 30.92 9.83 5.61
N LYS A 57 31.06 10.62 6.68
CA LYS A 57 32.07 10.37 7.69
C LYS A 57 31.56 9.44 8.80
N LEU A 58 30.28 9.09 8.78
CA LEU A 58 29.67 8.32 9.85
C LEU A 58 30.21 6.89 9.94
N ASN A 59 30.95 6.43 8.93
CA ASN A 59 31.46 5.06 8.91
C ASN A 59 32.73 4.88 9.72
N ASP A 60 33.24 5.93 10.36
CA ASP A 60 34.50 5.87 11.10
C ASP A 60 34.31 6.47 12.49
N LEU A 61 33.25 6.03 13.19
CA LEU A 61 32.97 6.50 14.53
C LEU A 61 32.49 5.34 15.38
N CYS A 62 32.69 5.47 16.69
CA CYS A 62 32.27 4.49 17.67
C CYS A 62 31.21 5.10 18.58
N PHE A 63 30.11 4.38 18.78
CA PHE A 63 28.97 4.87 19.53
C PHE A 63 28.86 4.10 20.85
N THR A 64 28.63 4.83 21.94
CA THR A 64 28.45 4.18 23.23
C THR A 64 27.19 3.32 23.24
N ASN A 65 26.09 3.84 22.70
CA ASN A 65 24.85 3.09 22.60
C ASN A 65 23.99 3.70 21.50
N VAL A 66 23.15 2.86 20.88
CA VAL A 66 22.26 3.30 19.81
C VAL A 66 20.86 2.77 20.08
N TYR A 67 19.87 3.47 19.54
CA TYR A 67 18.48 3.05 19.63
C TYR A 67 17.77 3.39 18.31
N ALA A 68 16.78 2.58 17.98
CA ALA A 68 16.03 2.75 16.73
C ALA A 68 14.54 2.80 17.04
N ASP A 69 13.86 3.80 16.48
CA ASP A 69 12.43 3.99 16.66
C ASP A 69 11.69 3.50 15.42
N SER A 70 10.37 3.74 15.41
CA SER A 70 9.53 3.31 14.29
C SER A 70 8.24 4.13 14.34
N PHE A 71 8.03 4.96 13.33
CA PHE A 71 6.91 5.89 13.29
C PHE A 71 6.06 5.65 12.04
N VAL A 72 4.89 6.28 12.02
CA VAL A 72 4.13 6.47 10.80
C VAL A 72 3.61 7.90 10.79
N ILE A 73 4.34 8.78 10.10
CA ILE A 73 3.98 10.19 9.98
C ILE A 73 2.92 10.33 8.88
N ARG A 74 2.33 11.51 8.75
CA ARG A 74 1.35 11.76 7.70
C ARG A 74 1.86 12.85 6.77
N GLY A 75 2.12 12.47 5.53
CA GLY A 75 2.40 13.40 4.44
C GLY A 75 3.57 14.35 4.60
N ASP A 76 3.30 15.63 4.37
CA ASP A 76 4.30 16.69 4.33
C ASP A 76 4.60 17.28 5.70
N GLU A 77 4.07 16.69 6.77
CA GLU A 77 4.24 17.18 8.13
C GLU A 77 5.53 16.65 8.78
N VAL A 78 6.36 15.96 7.98
CA VAL A 78 7.61 15.39 8.50
C VAL A 78 8.57 16.47 8.94
N ARG A 79 8.44 17.69 8.41
CA ARG A 79 9.44 18.73 8.65
C ARG A 79 9.57 19.07 10.14
N GLN A 80 8.52 18.83 10.91
CA GLN A 80 8.50 19.17 12.33
C GLN A 80 9.27 18.18 13.19
N ILE A 81 9.82 17.12 12.61
CA ILE A 81 10.72 16.21 13.35
C ILE A 81 12.10 16.84 13.29
N ALA A 82 12.36 17.74 14.24
CA ALA A 82 13.56 18.54 14.25
C ALA A 82 13.81 19.03 15.66
N PRO A 83 15.05 19.40 16.01
CA PRO A 83 15.33 19.86 17.37
C PRO A 83 14.82 21.26 17.64
N GLY A 84 13.53 21.39 17.97
CA GLY A 84 12.99 22.67 18.38
C GLY A 84 11.65 23.03 17.78
N GLN A 85 11.38 22.57 16.56
CA GLN A 85 10.14 22.92 15.89
C GLN A 85 8.96 22.28 16.61
N THR A 86 7.87 23.06 16.75
CA THR A 86 6.67 22.56 17.46
C THR A 86 5.53 22.28 16.47
N GLY A 87 4.48 21.60 16.92
CA GLY A 87 3.33 21.27 16.05
C GLY A 87 2.40 20.31 16.75
N ASN A 88 1.40 19.77 16.05
CA ASN A 88 0.41 18.88 16.73
C ASN A 88 1.13 17.63 17.26
N ILE A 89 1.99 17.01 16.44
CA ILE A 89 2.68 15.75 16.85
C ILE A 89 3.92 16.12 17.66
N ALA A 90 4.24 17.41 17.70
CA ALA A 90 5.41 17.88 18.47
C ALA A 90 4.96 18.53 19.78
N ASP A 91 3.68 18.39 20.15
CA ASP A 91 3.23 18.89 21.46
C ASP A 91 2.48 17.77 22.20
N TYR A 92 1.88 16.84 21.45
CA TYR A 92 1.04 15.80 22.08
C TYR A 92 1.50 14.39 21.66
N ASN A 93 2.71 14.28 21.09
CA ASN A 93 3.23 12.99 20.65
C ASN A 93 4.74 13.00 20.86
N TYR A 94 5.44 12.10 20.17
CA TYR A 94 6.89 12.01 20.23
C TYR A 94 7.55 13.38 20.15
N LYS A 95 8.59 13.58 20.94
CA LYS A 95 9.29 14.85 21.05
C LYS A 95 10.78 14.64 20.85
N LEU A 96 11.48 15.74 20.54
CA LEU A 96 12.92 15.72 20.36
C LEU A 96 13.57 16.78 21.24
N PRO A 97 14.72 16.48 21.83
CA PRO A 97 15.37 17.45 22.71
C PRO A 97 16.00 18.59 21.92
N ASP A 98 16.48 19.59 22.66
CA ASP A 98 17.17 20.73 22.06
C ASP A 98 18.64 20.47 21.83
N ASP A 99 19.16 19.32 22.25
CA ASP A 99 20.56 18.97 22.07
C ASP A 99 20.66 17.62 21.37
N PHE A 100 19.89 17.44 20.30
CA PHE A 100 19.75 16.14 19.66
C PHE A 100 21.06 15.68 19.04
N THR A 101 21.29 14.36 19.12
CA THR A 101 22.40 13.71 18.45
C THR A 101 21.83 12.51 17.70
N GLY A 102 22.52 12.10 16.64
CA GLY A 102 21.94 11.18 15.69
C GLY A 102 21.08 11.95 14.72
N CYS A 103 20.35 11.22 13.88
CA CYS A 103 19.53 11.90 12.88
C CYS A 103 18.45 10.95 12.34
N VAL A 104 17.84 11.37 11.24
CA VAL A 104 16.54 10.89 10.80
C VAL A 104 16.67 10.33 9.38
N ILE A 105 16.10 9.15 9.15
CA ILE A 105 16.04 8.54 7.83
C ILE A 105 14.57 8.34 7.49
N ALA A 106 14.12 8.93 6.39
CA ALA A 106 12.74 8.85 5.97
C ALA A 106 12.66 8.50 4.49
N TRP A 107 11.67 7.68 4.14
CA TRP A 107 11.46 7.28 2.76
C TRP A 107 9.98 7.03 2.53
N ASN A 108 9.54 7.10 1.27
CA ASN A 108 8.10 6.93 0.96
C ASN A 108 7.70 5.47 1.19
N SER A 109 6.59 5.25 1.89
CA SER A 109 6.12 3.87 2.18
C SER A 109 4.70 3.67 1.64
N ASN A 110 4.30 4.44 0.63
CA ASN A 110 2.91 4.36 0.15
C ASN A 110 2.61 2.93 -0.30
N LYS A 111 3.59 2.25 -0.90
CA LYS A 111 3.39 0.87 -1.40
C LYS A 111 3.11 -0.10 -0.25
N LEU A 112 3.74 0.06 0.92
CA LEU A 112 3.54 -0.96 1.99
C LEU A 112 2.38 -0.57 2.92
N ASP A 113 2.41 0.63 3.50
CA ASP A 113 1.38 1.05 4.49
C ASP A 113 0.25 1.85 3.84
N SER A 114 -0.53 1.24 2.94
CA SER A 114 -1.70 1.95 2.37
C SER A 114 -2.82 0.93 2.15
N LYS A 115 -4.08 1.36 2.19
CA LYS A 115 -5.16 0.39 1.89
C LYS A 115 -6.27 1.08 1.09
N VAL A 116 -6.96 0.32 0.24
CA VAL A 116 -8.12 0.89 -0.49
C VAL A 116 -9.14 1.30 0.57
N SER A 117 -9.69 2.51 0.47
CA SER A 117 -10.65 3.04 1.49
C SER A 117 -9.90 3.46 2.76
N GLY A 118 -8.56 3.47 2.72
CA GLY A 118 -7.78 3.98 3.88
C GLY A 118 -7.32 2.92 4.88
N ASN A 119 -6.36 3.28 5.73
CA ASN A 119 -5.84 2.35 6.76
C ASN A 119 -6.13 2.97 8.13
N TYR A 120 -6.92 2.30 8.96
CA TYR A 120 -7.36 2.81 10.25
C TYR A 120 -6.53 2.28 11.41
N ASN A 121 -5.53 1.45 11.15
CA ASN A 121 -4.76 0.82 12.22
C ASN A 121 -3.82 1.79 12.93
N TYR A 122 -3.63 3.00 12.42
CA TYR A 122 -2.72 3.97 13.01
C TYR A 122 -3.51 5.10 13.65
N LEU A 123 -3.19 5.40 14.91
CA LEU A 123 -3.91 6.40 15.68
C LEU A 123 -2.92 7.43 16.24
N TYR A 124 -3.41 8.67 16.37
CA TYR A 124 -2.62 9.76 16.92
C TYR A 124 -3.48 10.53 17.92
N ARG A 125 -2.84 11.07 18.96
CA ARG A 125 -3.54 11.78 20.02
C ARG A 125 -3.48 13.27 19.74
N LEU A 126 -4.65 13.87 19.46
CA LEU A 126 -4.69 15.28 19.06
C LEU A 126 -4.46 16.21 20.24
N PHE A 127 -5.07 15.92 21.39
CA PHE A 127 -5.12 16.87 22.49
C PHE A 127 -4.79 16.18 23.80
N ARG A 128 -4.27 16.97 24.75
CA ARG A 128 -3.89 16.47 26.06
C ARG A 128 -4.30 17.50 27.11
N LYS A 129 -4.16 17.12 28.38
CA LYS A 129 -4.38 18.08 29.46
C LYS A 129 -3.29 19.13 29.49
N SER A 130 -2.05 18.73 29.20
CA SER A 130 -0.91 19.66 29.17
C SER A 130 0.07 19.16 28.12
N ASN A 131 1.29 19.70 28.15
CA ASN A 131 2.35 19.29 27.24
C ASN A 131 3.08 18.08 27.84
N LEU A 132 4.10 17.60 27.13
CA LEU A 132 4.88 16.47 27.59
C LEU A 132 6.35 16.71 27.31
N LYS A 133 7.21 16.30 28.24
CA LYS A 133 8.64 16.45 28.07
C LYS A 133 9.15 15.43 27.06
N PRO A 134 10.33 15.68 26.47
CA PRO A 134 10.81 14.79 25.41
C PRO A 134 11.00 13.35 25.89
N PHE A 135 10.76 12.42 24.96
CA PHE A 135 11.00 10.99 25.14
C PHE A 135 10.14 10.40 26.28
N GLU A 136 8.83 10.51 26.10
CA GLU A 136 7.87 9.84 26.96
C GLU A 136 6.72 9.29 26.12
N ARG A 137 5.96 8.38 26.73
CA ARG A 137 4.83 7.73 26.09
C ARG A 137 3.61 7.83 26.99
N ASP A 138 2.42 7.79 26.38
CA ASP A 138 1.17 7.88 27.13
C ASP A 138 0.09 7.02 26.46
N ILE A 139 0.01 5.76 26.87
CA ILE A 139 -0.94 4.82 26.29
C ILE A 139 -2.31 4.87 26.96
N SER A 140 -2.44 5.60 28.07
CA SER A 140 -3.72 5.69 28.77
C SER A 140 -4.79 6.30 27.88
N THR A 141 -5.97 5.69 27.88
CA THR A 141 -7.10 6.16 27.08
C THR A 141 -8.31 6.37 27.98
N GLU A 142 -8.76 7.62 28.08
CA GLU A 142 -9.95 7.96 28.85
C GLU A 142 -10.69 9.08 28.13
N ILE A 143 -12.00 9.16 28.38
CA ILE A 143 -12.80 10.21 27.79
C ILE A 143 -12.36 11.56 28.34
N TYR A 144 -12.30 12.57 27.47
CA TYR A 144 -11.85 13.90 27.83
C TYR A 144 -12.99 14.88 27.74
N GLN A 145 -13.25 15.59 28.84
CA GLN A 145 -14.26 16.63 28.88
C GLN A 145 -13.66 17.95 28.39
N ALA A 146 -14.44 19.03 28.51
CA ALA A 146 -14.01 20.36 28.04
C ALA A 146 -14.24 21.37 29.17
N GLY A 147 -13.26 21.50 30.06
CA GLY A 147 -13.25 22.57 31.03
C GLY A 147 -14.07 22.36 32.29
N ASN A 148 -15.39 22.48 32.19
CA ASN A 148 -16.24 22.55 33.36
C ASN A 148 -17.13 21.33 33.55
N LYS A 149 -17.92 20.96 32.55
CA LYS A 149 -18.93 19.92 32.73
C LYS A 149 -18.26 18.55 32.91
N PRO A 150 -18.52 17.84 34.00
CA PRO A 150 -17.92 16.52 34.18
C PRO A 150 -18.68 15.45 33.41
N CYS A 151 -17.93 14.49 32.87
CA CYS A 151 -18.51 13.36 32.16
C CYS A 151 -17.53 12.19 32.21
N ASN A 152 -18.07 10.98 32.10
CA ASN A 152 -17.25 9.78 32.14
C ASN A 152 -17.98 8.66 31.41
N GLY A 153 -17.28 7.97 30.50
CA GLY A 153 -17.87 6.87 29.77
C GLY A 153 -18.79 7.30 28.65
N VAL A 154 -19.78 8.13 28.97
CA VAL A 154 -20.75 8.59 27.98
C VAL A 154 -20.10 9.62 27.07
N ALA A 155 -20.73 9.90 25.94
CA ALA A 155 -20.23 10.87 24.97
C ALA A 155 -21.36 11.79 24.54
N GLY A 156 -20.98 12.99 24.11
CA GLY A 156 -21.97 13.97 23.68
C GLY A 156 -21.37 15.35 23.50
N PHE A 157 -22.06 16.37 24.03
CA PHE A 157 -21.57 17.74 23.95
C PHE A 157 -20.28 17.89 24.74
N ASN A 158 -19.18 18.15 24.04
CA ASN A 158 -17.88 18.40 24.63
C ASN A 158 -17.34 17.20 25.42
N CYS A 159 -17.73 15.98 25.03
CA CYS A 159 -17.22 14.76 25.63
C CYS A 159 -17.05 13.74 24.51
N TYR A 160 -15.80 13.43 24.17
CA TYR A 160 -15.51 12.64 22.99
C TYR A 160 -14.18 11.92 23.15
N PHE A 161 -13.98 10.88 22.33
CA PHE A 161 -12.82 10.02 22.47
C PHE A 161 -11.56 10.78 22.08
N PRO A 162 -10.42 10.53 22.74
CA PRO A 162 -9.20 11.31 22.46
C PRO A 162 -8.33 10.74 21.34
N LEU A 163 -8.87 9.83 20.54
CA LEU A 163 -8.10 9.21 19.46
C LEU A 163 -8.86 9.35 18.15
N ARG A 164 -8.10 9.60 17.07
CA ARG A 164 -8.64 9.67 15.72
C ARG A 164 -7.75 8.85 14.79
N SER A 165 -8.38 8.18 13.83
CA SER A 165 -7.70 7.24 12.95
C SER A 165 -7.45 7.88 11.59
N TYR A 166 -6.27 7.61 11.03
CA TYR A 166 -5.92 8.08 9.70
C TYR A 166 -6.73 7.34 8.64
N SER A 167 -6.90 8.00 7.49
CA SER A 167 -7.46 7.38 6.28
C SER A 167 -6.50 7.72 5.15
N PHE A 168 -5.45 6.91 5.01
CA PHE A 168 -4.33 7.29 4.14
C PHE A 168 -4.73 7.27 2.67
N ARG A 169 -5.38 6.19 2.21
CA ARG A 169 -5.84 6.01 0.84
C ARG A 169 -4.68 5.96 -0.14
N PRO A 170 -4.88 5.39 -1.33
CA PRO A 170 -3.80 5.36 -2.33
C PRO A 170 -3.82 6.52 -3.34
N THR A 171 -4.72 7.49 -3.17
CA THR A 171 -4.84 8.60 -4.11
C THR A 171 -4.51 9.95 -3.51
N TYR A 172 -4.09 10.00 -2.24
CA TYR A 172 -3.84 11.27 -1.59
C TYR A 172 -2.63 11.98 -2.18
N GLY A 173 -1.69 11.22 -2.74
CA GLY A 173 -0.52 11.79 -3.36
C GLY A 173 0.46 12.37 -2.36
N VAL A 174 1.42 13.13 -2.89
CA VAL A 174 2.43 13.75 -2.05
C VAL A 174 1.77 14.76 -1.12
N GLY A 175 2.20 14.77 0.13
CA GLY A 175 1.67 15.64 1.14
C GLY A 175 0.67 15.00 2.09
N HIS A 176 0.14 13.84 1.72
CA HIS A 176 -0.78 13.08 2.58
C HIS A 176 -0.47 11.60 2.50
N GLN A 177 0.81 11.25 2.59
CA GLN A 177 1.30 9.89 2.42
C GLN A 177 2.07 9.44 3.66
N PRO A 178 2.16 8.12 3.91
CA PRO A 178 2.78 7.63 5.15
C PRO A 178 4.19 8.12 5.39
N TYR A 179 5.12 7.82 4.47
CA TYR A 179 6.50 8.29 4.59
C TYR A 179 7.14 7.81 5.90
N ARG A 180 7.34 6.50 6.00
CA ARG A 180 7.95 5.90 7.18
C ARG A 180 9.26 6.60 7.54
N VAL A 181 9.63 6.49 8.81
CA VAL A 181 10.80 7.20 9.32
C VAL A 181 11.37 6.42 10.51
N VAL A 182 12.69 6.44 10.62
CA VAL A 182 13.41 5.81 11.73
C VAL A 182 14.40 6.83 12.27
N VAL A 183 14.43 6.98 13.59
CA VAL A 183 15.25 8.00 14.25
C VAL A 183 16.27 7.28 15.12
N LEU A 184 17.55 7.55 14.86
CA LEU A 184 18.63 6.96 15.65
C LEU A 184 19.03 7.89 16.80
N SER A 185 20.03 7.48 17.56
CA SER A 185 20.53 8.27 18.68
C SER A 185 21.94 7.79 19.02
N PHE A 186 22.89 8.73 19.06
CA PHE A 186 24.28 8.40 19.31
C PHE A 186 24.81 9.19 20.49
N GLU A 187 25.94 8.71 21.03
CA GLU A 187 26.71 9.41 22.04
C GLU A 187 28.19 9.24 21.70
N LEU A 188 28.92 10.34 21.70
CA LEU A 188 30.27 10.39 21.15
C LEU A 188 31.29 10.12 22.25
N LEU A 189 31.74 8.86 22.34
CA LEU A 189 32.91 8.46 23.11
C LEU A 189 32.77 8.73 24.61
N HIS A 190 31.53 8.90 25.09
CA HIS A 190 31.33 9.12 26.52
C HIS A 190 31.66 7.88 27.34
N ALA A 191 31.37 6.71 26.81
CA ALA A 191 31.54 5.43 27.48
C ALA A 191 32.25 4.47 26.55
N PRO A 192 32.67 3.30 27.05
CA PRO A 192 33.21 2.29 26.14
C PRO A 192 32.21 1.94 25.05
N ALA A 193 32.72 1.74 23.85
CA ALA A 193 31.88 1.62 22.65
C ALA A 193 31.34 0.21 22.53
N THR A 194 30.02 0.11 22.37
CA THR A 194 29.40 -1.19 22.07
C THR A 194 29.40 -1.48 20.58
N VAL A 195 29.35 -0.43 19.75
CA VAL A 195 29.34 -0.58 18.30
C VAL A 195 30.40 0.34 17.72
N CYS A 196 30.98 -0.08 16.60
CA CYS A 196 32.00 0.69 15.90
C CYS A 196 31.87 0.42 14.40
N GLY A 197 32.87 0.85 13.64
CA GLY A 197 32.89 0.64 12.22
C GLY A 197 34.07 -0.20 11.77
N PRO A 198 33.99 -0.77 10.57
CA PRO A 198 35.09 -1.60 10.07
C PRO A 198 36.37 -0.81 9.92
N LYS A 199 37.50 -1.47 10.20
CA LYS A 199 38.81 -0.83 10.09
C LYS A 199 39.91 -1.89 10.01
N ALA B 1 -16.96 6.29 -15.22
CA ALA B 1 -15.71 5.58 -14.98
C ALA B 1 -14.58 6.17 -15.83
N LEU B 2 -14.10 5.39 -16.78
CA LEU B 2 -13.03 5.81 -17.68
C LEU B 2 -13.48 5.63 -19.12
N THR B 3 -12.84 6.38 -20.02
CA THR B 3 -13.14 6.31 -21.45
C THR B 3 -11.88 5.93 -22.21
N GLN B 4 -12.04 5.06 -23.20
CA GLN B 4 -10.95 4.60 -24.05
C GLN B 4 -11.49 4.39 -25.46
N PRO B 5 -10.63 4.48 -26.47
CA PRO B 5 -11.08 4.20 -27.84
C PRO B 5 -11.61 2.78 -27.96
N ALA B 6 -12.83 2.66 -28.49
CA ALA B 6 -13.46 1.35 -28.62
C ALA B 6 -12.71 0.46 -29.60
N SER B 7 -12.28 1.03 -30.73
CA SER B 7 -11.58 0.28 -31.75
C SER B 7 -10.34 1.05 -32.19
N VAL B 8 -9.21 0.34 -32.24
CA VAL B 8 -7.94 0.89 -32.71
C VAL B 8 -7.32 -0.10 -33.69
N SER B 9 -6.82 0.43 -34.79
CA SER B 9 -6.21 -0.39 -35.82
C SER B 9 -5.13 0.41 -36.52
N GLY B 10 -4.22 -0.30 -37.17
CA GLY B 10 -3.12 0.34 -37.88
C GLY B 10 -2.34 -0.69 -38.66
N SER B 11 -1.45 -0.19 -39.51
CA SER B 11 -0.63 -1.06 -40.33
C SER B 11 0.32 -1.87 -39.46
N PRO B 12 0.58 -3.13 -39.84
CA PRO B 12 1.53 -3.95 -39.07
C PRO B 12 2.94 -3.41 -39.11
N GLY B 13 3.80 -3.95 -38.26
CA GLY B 13 5.18 -3.48 -38.18
C GLY B 13 5.37 -2.34 -37.21
N GLN B 14 4.92 -1.14 -37.59
CA GLN B 14 5.08 0.04 -36.75
C GLN B 14 3.85 0.92 -36.89
N SER B 15 3.95 2.15 -36.38
CA SER B 15 2.94 3.20 -36.55
C SER B 15 1.59 2.78 -35.95
N ILE B 16 1.58 2.59 -34.62
CA ILE B 16 0.36 2.38 -33.88
C ILE B 16 0.60 2.76 -32.43
N THR B 17 -0.43 3.34 -31.80
CA THR B 17 -0.35 3.78 -30.41
C THR B 17 -1.76 3.90 -29.86
N VAL B 18 -1.91 3.51 -28.58
CA VAL B 18 -3.21 3.53 -27.91
C VAL B 18 -3.06 4.32 -26.61
N SER B 19 -4.15 4.99 -26.21
CA SER B 19 -4.14 5.86 -25.04
C SER B 19 -5.43 5.71 -24.25
N CYS B 20 -5.36 6.09 -22.97
CA CYS B 20 -6.52 6.19 -22.10
C CYS B 20 -6.60 7.60 -21.54
N THR B 21 -7.80 8.00 -21.11
CA THR B 21 -8.01 9.30 -20.50
C THR B 21 -9.25 9.23 -19.62
N GLY B 22 -9.37 10.20 -18.73
CA GLY B 22 -10.51 10.25 -17.82
C GLY B 22 -10.63 11.62 -17.19
N THR B 23 -11.68 11.79 -16.41
CA THR B 23 -11.94 13.06 -15.75
C THR B 23 -10.92 13.30 -14.65
N SER B 24 -10.35 14.51 -14.62
CA SER B 24 -9.36 14.85 -13.60
C SER B 24 -9.97 15.00 -12.22
N SER B 25 -11.25 15.38 -12.13
CA SER B 25 -11.88 15.58 -10.82
C SER B 25 -12.02 14.25 -10.09
N ASP B 26 -12.48 13.21 -10.78
CA ASP B 26 -12.70 11.92 -10.13
C ASP B 26 -11.37 11.27 -9.76
N LEU B 27 -10.42 11.26 -10.68
CA LEU B 27 -9.16 10.54 -10.51
C LEU B 27 -8.10 11.49 -9.96
N GLY B 28 -7.70 11.29 -8.70
CA GLY B 28 -6.55 12.00 -8.19
C GLY B 28 -5.28 11.62 -8.93
N ASN B 29 -5.10 10.33 -9.19
CA ASN B 29 -4.06 9.80 -10.08
C ASN B 29 -2.69 10.22 -9.56
N PHE B 30 -1.83 10.84 -10.37
CA PHE B 30 -0.46 11.25 -10.06
C PHE B 30 0.47 10.04 -9.99
N GLN B 31 -0.09 8.83 -9.99
CA GLN B 31 0.64 7.58 -9.89
C GLN B 31 -0.30 6.45 -10.29
N TYR B 32 0.24 5.23 -10.30
CA TYR B 32 -0.54 3.99 -10.24
C TYR B 32 -1.54 3.87 -11.40
N VAL B 33 -0.99 3.73 -12.60
CA VAL B 33 -1.75 3.33 -13.77
C VAL B 33 -1.01 2.18 -14.44
N SER B 34 -1.76 1.25 -15.01
CA SER B 34 -1.17 0.03 -15.56
C SER B 34 -1.98 -0.45 -16.75
N TRP B 35 -1.32 -1.27 -17.58
CA TRP B 35 -1.91 -1.85 -18.77
C TRP B 35 -1.73 -3.35 -18.75
N TYR B 36 -2.82 -4.08 -19.05
CA TYR B 36 -2.85 -5.54 -18.96
C TYR B 36 -3.25 -6.13 -20.31
N GLN B 37 -2.57 -7.20 -20.71
CA GLN B 37 -2.98 -7.95 -21.89
C GLN B 37 -3.96 -9.05 -21.52
N HIS B 38 -4.87 -9.35 -22.46
CA HIS B 38 -5.82 -10.44 -22.30
C HIS B 38 -5.79 -11.31 -23.55
N HIS B 39 -6.04 -12.60 -23.36
CA HIS B 39 -6.05 -13.56 -24.45
C HIS B 39 -7.25 -14.48 -24.27
N PRO B 40 -7.79 -15.03 -25.35
CA PRO B 40 -8.93 -15.95 -25.21
C PRO B 40 -8.52 -17.28 -24.60
N GLY B 41 -8.97 -17.54 -23.38
CA GLY B 41 -8.69 -18.77 -22.67
C GLY B 41 -7.44 -18.74 -21.81
N LYS B 42 -6.67 -17.66 -21.83
CA LYS B 42 -5.46 -17.52 -21.05
C LYS B 42 -5.61 -16.36 -20.06
N ALA B 43 -4.90 -16.46 -18.95
CA ALA B 43 -4.97 -15.51 -17.85
C ALA B 43 -4.27 -14.20 -18.23
N PRO B 44 -4.79 -13.07 -17.74
CA PRO B 44 -4.12 -11.78 -18.00
C PRO B 44 -2.76 -11.68 -17.33
N LYS B 45 -1.97 -10.69 -17.73
CA LYS B 45 -0.66 -10.50 -17.14
C LYS B 45 -0.31 -9.01 -17.18
N LEU B 46 0.57 -8.60 -16.27
CA LEU B 46 0.96 -7.21 -16.16
C LEU B 46 2.08 -6.88 -17.15
N LEU B 47 2.03 -5.67 -17.69
CA LEU B 47 3.03 -5.20 -18.65
C LEU B 47 3.75 -3.96 -18.16
N ILE B 48 3.06 -3.02 -17.52
CA ILE B 48 3.63 -1.74 -17.12
C ILE B 48 3.02 -1.32 -15.79
N TYR B 49 3.86 -0.72 -14.94
CA TYR B 49 3.42 -0.24 -13.64
C TYR B 49 4.06 1.13 -13.37
N GLU B 50 3.38 1.93 -12.55
CA GLU B 50 3.82 3.29 -12.22
C GLU B 50 4.04 4.12 -13.48
N VAL B 51 2.96 4.31 -14.24
CA VAL B 51 2.95 5.18 -15.41
C VAL B 51 3.86 4.62 -16.49
N SER B 52 5.19 4.67 -16.26
CA SER B 52 6.18 4.20 -17.25
C SER B 52 7.31 3.47 -16.54
N LYS B 53 7.14 2.15 -16.39
CA LYS B 53 8.19 1.28 -15.88
C LYS B 53 7.95 -0.13 -16.43
N ARG B 54 9.03 -0.89 -16.56
CA ARG B 54 8.90 -2.24 -17.09
C ARG B 54 9.41 -3.26 -16.09
N PRO B 55 8.63 -4.30 -15.80
CA PRO B 55 9.10 -5.36 -14.91
C PRO B 55 10.04 -6.31 -15.64
N SER B 56 10.55 -7.28 -14.90
CA SER B 56 11.45 -8.27 -15.47
C SER B 56 10.68 -9.29 -16.30
N GLY B 57 11.38 -9.88 -17.25
CA GLY B 57 10.78 -10.91 -18.10
C GLY B 57 9.68 -10.40 -19.01
N VAL B 58 9.87 -9.22 -19.61
CA VAL B 58 8.94 -8.66 -20.57
C VAL B 58 9.70 -8.22 -21.81
N SER B 59 8.97 -8.09 -22.92
CA SER B 59 9.58 -7.65 -24.17
C SER B 59 9.99 -6.19 -24.09
N ASN B 60 11.05 -5.84 -24.81
CA ASN B 60 11.53 -4.47 -24.82
C ASN B 60 10.68 -3.55 -25.70
N ARG B 61 9.88 -4.11 -26.60
CA ARG B 61 9.09 -3.31 -27.52
C ARG B 61 7.91 -2.61 -26.84
N PHE B 62 7.63 -2.92 -25.59
CA PHE B 62 6.48 -2.37 -24.89
C PHE B 62 6.92 -1.27 -23.93
N SER B 63 6.24 -0.13 -24.01
CA SER B 63 6.54 1.02 -23.17
C SER B 63 5.33 1.96 -23.18
N GLY B 64 5.49 3.14 -22.62
CA GLY B 64 4.42 4.12 -22.61
C GLY B 64 4.78 5.31 -21.75
N SER B 65 3.89 6.30 -21.77
CA SER B 65 4.06 7.51 -20.99
C SER B 65 2.73 8.23 -20.88
N LYS B 66 2.65 9.14 -19.91
CA LYS B 66 1.44 9.92 -19.68
C LYS B 66 1.80 11.40 -19.60
N SER B 67 0.85 12.24 -20.01
CA SER B 67 1.06 13.68 -19.99
C SER B 67 -0.28 14.37 -19.75
N GLY B 68 -0.28 15.34 -18.83
CA GLY B 68 -1.50 16.05 -18.49
C GLY B 68 -2.56 15.15 -17.88
N ASN B 69 -3.64 14.93 -18.62
CA ASN B 69 -4.71 14.02 -18.21
C ASN B 69 -4.92 12.95 -19.28
N THR B 70 -3.86 12.62 -20.01
CA THR B 70 -3.90 11.62 -21.06
C THR B 70 -2.78 10.60 -20.82
N ALA B 71 -3.16 9.37 -20.54
CA ALA B 71 -2.21 8.28 -20.37
C ALA B 71 -2.17 7.45 -21.65
N SER B 72 -0.97 6.96 -21.99
CA SER B 72 -0.81 6.24 -23.24
C SER B 72 0.31 5.22 -23.10
N LEU B 73 0.28 4.21 -23.96
CA LEU B 73 1.33 3.21 -24.03
C LEU B 73 1.81 3.08 -25.47
N THR B 74 3.10 2.86 -25.63
CA THR B 74 3.74 2.78 -26.93
C THR B 74 4.06 1.33 -27.26
N ILE B 75 3.60 0.90 -28.43
CA ILE B 75 3.81 -0.47 -28.91
C ILE B 75 4.42 -0.40 -30.30
N SER B 76 5.46 -1.20 -30.54
CA SER B 76 6.13 -1.30 -31.82
C SER B 76 6.47 -2.75 -32.10
N GLY B 77 6.63 -3.09 -33.38
CA GLY B 77 6.92 -4.45 -33.75
C GLY B 77 5.70 -5.33 -33.72
N LEU B 78 4.74 -5.06 -34.61
CA LEU B 78 3.51 -5.84 -34.65
C LEU B 78 3.77 -7.20 -35.31
N GLN B 79 3.65 -8.26 -34.52
CA GLN B 79 3.74 -9.62 -35.03
C GLN B 79 2.33 -10.21 -35.13
N ALA B 80 2.26 -11.51 -35.41
CA ALA B 80 1.00 -12.23 -35.53
C ALA B 80 0.44 -12.68 -34.17
N GLU B 81 1.01 -12.19 -33.06
CA GLU B 81 0.56 -12.57 -31.74
C GLU B 81 0.23 -11.38 -30.84
N ASP B 82 0.45 -10.15 -31.31
CA ASP B 82 0.18 -8.96 -30.51
C ASP B 82 -1.28 -8.53 -30.55
N GLU B 83 -2.16 -9.33 -31.15
CA GLU B 83 -3.58 -9.01 -31.24
C GLU B 83 -4.24 -9.36 -29.91
N ALA B 84 -3.98 -8.51 -28.90
CA ALA B 84 -4.47 -8.72 -27.55
C ALA B 84 -5.12 -7.44 -27.05
N ASP B 85 -6.11 -7.59 -26.17
CA ASP B 85 -6.73 -6.43 -25.54
C ASP B 85 -5.76 -5.80 -24.55
N TYR B 86 -5.93 -4.49 -24.33
CA TYR B 86 -5.10 -3.74 -23.37
C TYR B 86 -6.04 -2.97 -22.43
N TYR B 87 -6.16 -3.46 -21.20
CA TYR B 87 -7.00 -2.83 -20.20
C TYR B 87 -6.16 -1.88 -19.35
N CYS B 88 -6.64 -0.66 -19.15
CA CYS B 88 -5.95 0.33 -18.33
C CYS B 88 -6.74 0.62 -17.06
N CYS B 89 -6.06 0.52 -15.92
CA CYS B 89 -6.71 0.58 -14.62
C CYS B 89 -6.02 1.60 -13.72
N SER B 90 -6.77 2.12 -12.75
CA SER B 90 -6.24 3.09 -11.80
C SER B 90 -7.18 3.16 -10.60
N TYR B 91 -6.83 4.03 -9.66
CA TYR B 91 -7.64 4.21 -8.45
C TYR B 91 -8.49 5.47 -8.58
N THR B 92 -9.80 5.33 -8.40
CA THR B 92 -10.70 6.47 -8.36
C THR B 92 -10.98 6.87 -6.91
N THR B 93 -11.86 7.86 -6.75
CA THR B 93 -12.16 8.41 -5.43
C THR B 93 -13.64 8.42 -5.09
N THR B 94 -14.52 8.00 -6.01
CA THR B 94 -15.96 7.99 -5.75
C THR B 94 -16.51 6.60 -5.99
N THR B 95 -17.43 6.17 -5.11
CA THR B 95 -18.11 4.88 -5.18
C THR B 95 -17.06 3.79 -5.31
N ILE B 96 -16.95 3.10 -6.45
CA ILE B 96 -15.92 2.07 -6.59
C ILE B 96 -14.55 2.73 -6.67
N PRO B 97 -13.57 2.31 -5.88
CA PRO B 97 -12.24 2.93 -5.93
C PRO B 97 -11.42 2.50 -7.15
N VAL B 98 -11.84 1.42 -7.81
CA VAL B 98 -11.08 0.82 -8.90
C VAL B 98 -11.91 0.91 -10.17
N ALA B 99 -11.31 1.48 -11.22
CA ALA B 99 -11.95 1.63 -12.53
C ALA B 99 -11.11 0.92 -13.57
N PHE B 100 -11.72 0.05 -14.37
CA PHE B 100 -10.98 -0.70 -15.37
C PHE B 100 -11.11 -0.07 -16.75
N GLY B 101 -12.13 0.74 -16.96
CA GLY B 101 -12.32 1.44 -18.23
C GLY B 101 -12.87 0.55 -19.32
N GLY B 102 -13.10 1.18 -20.47
CA GLY B 102 -13.69 0.45 -21.60
C GLY B 102 -12.76 -0.60 -22.18
N GLY B 103 -11.48 -0.26 -22.33
CA GLY B 103 -10.53 -1.20 -22.92
C GLY B 103 -10.25 -0.88 -24.38
N THR B 104 -9.76 -1.89 -25.08
CA THR B 104 -9.33 -1.75 -26.47
C THR B 104 -9.90 -2.91 -27.28
N ARG B 105 -9.42 -3.06 -28.52
CA ARG B 105 -9.79 -4.17 -29.38
C ARG B 105 -8.77 -4.31 -30.49
N LEU B 106 -8.10 -5.47 -30.54
CA LEU B 106 -7.11 -5.74 -31.57
C LEU B 106 -7.38 -7.08 -32.24
N ILE C 1 4.77 -20.30 -8.92
CA ILE C 1 3.72 -19.39 -8.48
C ILE C 1 2.44 -19.72 -9.23
N THR C 2 1.61 -20.56 -8.64
CA THR C 2 0.38 -21.03 -9.26
C THR C 2 -0.84 -20.57 -8.46
N LEU C 3 -1.89 -20.19 -9.19
CA LEU C 3 -3.17 -19.82 -8.60
C LEU C 3 -4.26 -20.69 -9.20
N LYS C 4 -5.20 -21.12 -8.37
CA LYS C 4 -6.31 -21.94 -8.80
C LYS C 4 -7.49 -21.77 -7.86
N GLU C 5 -8.70 -21.73 -8.42
CA GLU C 5 -9.91 -21.65 -7.65
C GLU C 5 -10.96 -22.59 -8.24
N SER C 6 -11.88 -23.03 -7.40
CA SER C 6 -12.90 -24.00 -7.78
C SER C 6 -14.27 -23.53 -7.33
N GLY C 7 -15.28 -23.91 -8.09
CA GLY C 7 -16.65 -23.56 -7.79
C GLY C 7 -17.63 -24.31 -8.67
N PRO C 8 -18.89 -24.37 -8.25
CA PRO C 8 -19.91 -25.06 -9.05
C PRO C 8 -20.23 -24.33 -10.36
N THR C 9 -20.06 -25.04 -11.48
CA THR C 9 -20.26 -24.42 -12.78
C THR C 9 -21.74 -24.08 -13.01
N LEU C 10 -22.65 -24.86 -12.44
CA LEU C 10 -24.08 -24.62 -12.56
C LEU C 10 -24.64 -24.27 -11.19
N VAL C 11 -25.40 -23.18 -11.13
CA VAL C 11 -25.92 -22.67 -9.87
C VAL C 11 -27.38 -22.27 -10.05
N LYS C 12 -28.25 -22.78 -9.18
CA LYS C 12 -29.62 -22.31 -9.13
C LYS C 12 -29.64 -20.87 -8.61
N PRO C 13 -30.44 -19.99 -9.24
CA PRO C 13 -30.38 -18.57 -8.84
C PRO C 13 -30.66 -18.31 -7.37
N THR C 14 -31.46 -19.15 -6.72
CA THR C 14 -31.71 -18.97 -5.29
C THR C 14 -30.55 -19.44 -4.42
N GLN C 15 -29.63 -20.22 -4.98
CA GLN C 15 -28.50 -20.73 -4.20
C GLN C 15 -27.42 -19.67 -4.03
N THR C 16 -26.83 -19.62 -2.84
CA THR C 16 -25.76 -18.69 -2.55
C THR C 16 -24.41 -19.32 -2.90
N LEU C 17 -23.58 -18.55 -3.60
CA LEU C 17 -22.29 -19.06 -4.05
C LEU C 17 -21.32 -19.23 -2.88
N THR C 18 -20.50 -20.28 -2.96
CA THR C 18 -19.40 -20.48 -2.03
C THR C 18 -18.18 -20.90 -2.85
N LEU C 19 -17.25 -19.97 -3.06
CA LEU C 19 -16.10 -20.19 -3.91
C LEU C 19 -14.83 -20.22 -3.08
N THR C 20 -13.92 -21.12 -3.44
CA THR C 20 -12.65 -21.28 -2.75
C THR C 20 -11.51 -21.06 -3.74
N CYS C 21 -10.48 -20.34 -3.28
CA CYS C 21 -9.30 -20.06 -4.09
C CYS C 21 -8.05 -20.28 -3.26
N ALA C 22 -7.10 -21.03 -3.81
CA ALA C 22 -5.89 -21.38 -3.10
C ALA C 22 -4.67 -20.87 -3.85
N PHE C 23 -3.66 -20.45 -3.08
CA PHE C 23 -2.40 -19.98 -3.62
C PHE C 23 -1.27 -20.86 -3.07
N SER C 24 -0.27 -21.12 -3.91
CA SER C 24 0.84 -22.00 -3.56
C SER C 24 2.12 -21.18 -3.47
N GLY C 25 2.35 -20.57 -2.32
CA GLY C 25 3.62 -19.91 -2.05
C GLY C 25 3.63 -18.43 -2.38
N PHE C 26 3.61 -17.60 -1.35
CA PHE C 26 3.73 -16.15 -1.45
C PHE C 26 4.66 -15.67 -0.36
N SER C 27 5.06 -14.40 -0.46
CA SER C 27 5.82 -13.74 0.61
C SER C 27 4.83 -13.25 1.65
N LEU C 28 4.40 -14.16 2.53
CA LEU C 28 3.40 -13.83 3.53
C LEU C 28 3.88 -12.81 4.55
N ASN C 29 5.19 -12.65 4.71
CA ASN C 29 5.75 -11.69 5.67
C ASN C 29 5.99 -10.37 4.92
N THR C 30 4.91 -9.60 4.78
CA THR C 30 4.98 -8.32 4.06
C THR C 30 3.92 -7.40 4.63
N GLY C 31 3.67 -6.28 3.94
CA GLY C 31 2.63 -5.37 4.32
C GLY C 31 1.95 -4.79 3.08
N GLY C 32 0.66 -4.53 3.24
CA GLY C 32 -0.12 -4.00 2.12
C GLY C 32 -0.26 -4.94 0.96
N ALA C 33 -0.50 -6.22 1.23
CA ALA C 33 -0.72 -7.23 0.20
C ALA C 33 -1.98 -8.01 0.54
N GLY C 34 -2.49 -8.74 -0.46
CA GLY C 34 -3.69 -9.52 -0.25
C GLY C 34 -4.16 -10.17 -1.54
N VAL C 35 -5.37 -10.70 -1.49
CA VAL C 35 -5.97 -11.43 -2.60
C VAL C 35 -7.36 -10.86 -2.85
N GLY C 36 -7.69 -10.62 -4.13
CA GLY C 36 -8.98 -10.08 -4.49
C GLY C 36 -9.64 -10.89 -5.59
N TRP C 37 -10.90 -10.58 -5.85
CA TRP C 37 -11.70 -11.27 -6.84
C TRP C 37 -12.27 -10.26 -7.84
N ILE C 38 -12.22 -10.63 -9.12
CA ILE C 38 -12.72 -9.78 -10.20
C ILE C 38 -13.61 -10.62 -11.09
N ARG C 39 -14.65 -10.01 -11.64
CA ARG C 39 -15.56 -10.71 -12.54
C ARG C 39 -15.69 -9.94 -13.84
N GLN C 40 -16.03 -10.66 -14.91
CA GLN C 40 -16.20 -10.08 -16.24
C GLN C 40 -17.40 -10.71 -16.93
N PRO C 41 -18.52 -10.00 -17.04
CA PRO C 41 -19.63 -10.49 -17.85
C PRO C 41 -19.29 -10.43 -19.33
N PRO C 42 -20.02 -11.15 -20.18
CA PRO C 42 -19.75 -11.05 -21.62
C PRO C 42 -19.94 -9.62 -22.11
N GLY C 43 -18.87 -9.07 -22.66
CA GLY C 43 -18.88 -7.69 -23.10
C GLY C 43 -18.79 -6.71 -21.94
N LYS C 44 -19.14 -5.45 -22.24
CA LYS C 44 -19.08 -4.32 -21.32
C LYS C 44 -17.66 -4.28 -20.73
N ALA C 45 -17.48 -4.14 -19.42
CA ALA C 45 -16.15 -3.94 -18.87
C ALA C 45 -16.00 -4.67 -17.54
N LEU C 46 -14.78 -4.67 -17.03
CA LEU C 46 -14.49 -5.25 -15.72
C LEU C 46 -15.04 -4.36 -14.61
N GLU C 47 -15.14 -4.94 -13.41
CA GLU C 47 -15.53 -4.20 -12.22
C GLU C 47 -14.91 -4.88 -11.00
N TRP C 48 -14.41 -4.06 -10.06
CA TRP C 48 -13.76 -4.59 -8.88
C TRP C 48 -14.78 -4.99 -7.83
N LEU C 49 -14.49 -6.07 -7.10
CA LEU C 49 -15.46 -6.60 -6.15
C LEU C 49 -15.01 -6.46 -4.70
N ALA C 50 -13.86 -7.03 -4.36
CA ALA C 50 -13.39 -7.05 -2.98
C ALA C 50 -11.99 -7.64 -2.92
N LEU C 51 -11.32 -7.39 -1.79
CA LEU C 51 -9.99 -7.95 -1.54
C LEU C 51 -9.74 -7.92 -0.04
N ILE C 52 -8.89 -8.84 0.41
CA ILE C 52 -8.63 -9.06 1.83
C ILE C 52 -7.13 -9.05 2.06
N TYR C 53 -6.68 -8.28 3.05
CA TYR C 53 -5.27 -8.21 3.38
C TYR C 53 -4.87 -9.36 4.30
N TRP C 54 -3.57 -9.45 4.60
CA TRP C 54 -3.08 -10.48 5.51
C TRP C 54 -3.51 -10.23 6.94
N ASP C 55 -3.70 -8.96 7.32
CA ASP C 55 -4.06 -8.59 8.68
C ASP C 55 -5.53 -8.80 8.99
N GLY C 56 -6.27 -9.48 8.12
CA GLY C 56 -7.67 -9.74 8.35
C GLY C 56 -8.61 -8.60 8.05
N ASP C 57 -8.10 -7.50 7.49
CA ASP C 57 -8.95 -6.36 7.19
C ASP C 57 -9.91 -6.70 6.06
N LYS C 58 -11.07 -6.04 6.06
CA LYS C 58 -12.20 -6.42 5.23
C LYS C 58 -12.75 -5.17 4.53
N ARG C 59 -12.74 -5.19 3.20
CA ARG C 59 -12.87 -3.98 2.39
C ARG C 59 -13.84 -4.19 1.21
N TYR C 60 -15.06 -4.67 1.48
CA TYR C 60 -16.04 -4.84 0.41
C TYR C 60 -16.27 -3.53 -0.33
N ASN C 61 -16.77 -3.64 -1.56
CA ASN C 61 -17.12 -2.48 -2.35
C ASN C 61 -18.49 -1.94 -1.95
N PRO C 62 -18.76 -0.66 -2.20
CA PRO C 62 -20.10 -0.13 -1.92
C PRO C 62 -21.13 -0.65 -2.91
N SER C 63 -22.39 -0.63 -2.47
CA SER C 63 -23.60 -1.02 -3.20
C SER C 63 -23.70 -2.53 -3.37
N LEU C 64 -22.69 -3.31 -2.99
CA LEU C 64 -22.76 -4.76 -3.05
C LEU C 64 -22.35 -5.43 -1.75
N LYS C 65 -22.00 -4.67 -0.72
CA LYS C 65 -21.46 -5.26 0.51
C LYS C 65 -22.49 -6.16 1.20
N SER C 66 -23.77 -5.93 0.95
CA SER C 66 -24.81 -6.73 1.60
C SER C 66 -24.74 -8.18 1.16
N ARG C 67 -24.47 -8.43 -0.12
CA ARG C 67 -24.55 -9.77 -0.69
C ARG C 67 -23.19 -10.42 -0.91
N LEU C 68 -22.20 -10.08 -0.09
CA LEU C 68 -20.88 -10.72 -0.17
C LEU C 68 -20.43 -11.13 1.22
N ALA C 69 -19.65 -12.20 1.28
CA ALA C 69 -19.12 -12.70 2.54
C ALA C 69 -17.74 -13.30 2.28
N ILE C 70 -16.87 -13.19 3.29
CA ILE C 70 -15.48 -13.64 3.19
C ILE C 70 -15.16 -14.55 4.36
N ILE C 71 -14.56 -15.70 4.07
CA ILE C 71 -14.07 -16.62 5.09
C ILE C 71 -12.57 -16.82 4.86
N MET C 72 -11.77 -16.56 5.88
CA MET C 72 -10.33 -16.68 5.80
C MET C 72 -9.89 -17.92 6.57
N ASP C 73 -9.19 -18.82 5.89
CA ASP C 73 -8.77 -20.06 6.52
C ASP C 73 -7.69 -19.82 7.57
N THR C 74 -6.91 -18.75 7.41
CA THR C 74 -5.91 -18.29 8.37
C THR C 74 -4.73 -19.25 8.49
N SER C 75 -4.77 -20.36 7.76
CA SER C 75 -3.66 -21.32 7.72
C SER C 75 -2.97 -21.35 6.36
N LYS C 76 -3.20 -20.34 5.52
CA LYS C 76 -2.64 -20.21 4.18
C LYS C 76 -3.07 -21.32 3.24
N ASN C 77 -4.07 -22.13 3.62
CA ASN C 77 -4.54 -23.17 2.72
C ASN C 77 -5.28 -22.59 1.52
N ARG C 78 -6.21 -21.67 1.76
CA ARG C 78 -7.01 -21.08 0.71
C ARG C 78 -7.81 -19.92 1.28
N VAL C 79 -8.55 -19.25 0.39
CA VAL C 79 -9.48 -18.18 0.77
C VAL C 79 -10.84 -18.53 0.20
N VAL C 80 -11.90 -18.04 0.84
CA VAL C 80 -13.26 -18.41 0.51
C VAL C 80 -14.06 -17.17 0.14
N LEU C 81 -14.77 -17.24 -0.99
CA LEU C 81 -15.70 -16.21 -1.40
C LEU C 81 -17.13 -16.73 -1.28
N THR C 82 -17.99 -15.94 -0.63
CA THR C 82 -19.39 -16.28 -0.47
C THR C 82 -20.24 -15.07 -0.84
N MET C 83 -21.22 -15.29 -1.72
CA MET C 83 -22.15 -14.24 -2.11
C MET C 83 -23.58 -14.77 -2.00
N THR C 84 -24.50 -13.89 -1.64
CA THR C 84 -25.89 -14.26 -1.40
C THR C 84 -26.80 -13.60 -2.44
N ASN C 85 -27.96 -14.23 -2.67
CA ASN C 85 -28.98 -13.72 -3.59
C ASN C 85 -28.40 -13.53 -4.99
N MET C 86 -28.02 -14.65 -5.58
CA MET C 86 -27.44 -14.65 -6.92
C MET C 86 -28.41 -14.01 -7.92
N ASP C 87 -27.89 -13.09 -8.73
CA ASP C 87 -28.68 -12.30 -9.65
C ASP C 87 -28.24 -12.61 -11.07
N PRO C 88 -29.15 -13.07 -11.93
CA PRO C 88 -28.75 -13.47 -13.29
C PRO C 88 -28.05 -12.38 -14.09
N VAL C 89 -28.12 -11.12 -13.66
CA VAL C 89 -27.32 -10.07 -14.30
C VAL C 89 -25.84 -10.20 -13.96
N ASP C 90 -25.50 -10.98 -12.94
CA ASP C 90 -24.12 -11.11 -12.48
C ASP C 90 -23.45 -12.39 -12.98
N THR C 91 -24.04 -13.07 -13.96
CA THR C 91 -23.41 -14.26 -14.53
C THR C 91 -22.11 -13.86 -15.24
N ALA C 92 -20.99 -14.43 -14.78
CA ALA C 92 -19.69 -14.06 -15.28
C ALA C 92 -18.67 -15.07 -14.77
N THR C 93 -17.40 -14.82 -15.08
CA THR C 93 -16.29 -15.62 -14.59
C THR C 93 -15.48 -14.82 -13.58
N TYR C 94 -14.99 -15.51 -12.54
CA TYR C 94 -14.32 -14.85 -11.42
C TYR C 94 -12.86 -15.25 -11.39
N TYR C 95 -11.99 -14.25 -11.23
CA TYR C 95 -10.55 -14.43 -11.27
C TYR C 95 -9.94 -14.08 -9.90
N CYS C 96 -8.92 -14.85 -9.51
CA CYS C 96 -8.12 -14.53 -8.35
C CYS C 96 -6.93 -13.66 -8.75
N ALA C 97 -6.44 -12.89 -7.78
CA ALA C 97 -5.33 -11.98 -8.08
C ALA C 97 -4.57 -11.68 -6.79
N HIS C 98 -3.26 -11.48 -6.94
CA HIS C 98 -2.39 -11.12 -5.81
C HIS C 98 -2.28 -9.61 -5.77
N HIS C 99 -3.15 -9.00 -4.96
CA HIS C 99 -3.24 -7.55 -4.89
C HIS C 99 -2.00 -6.95 -4.23
N LYS C 100 -1.58 -5.78 -4.74
CA LYS C 100 -0.45 -5.04 -4.20
C LYS C 100 -0.63 -3.58 -4.59
N ILE C 101 0.30 -2.73 -4.13
CA ILE C 101 0.19 -1.30 -4.41
C ILE C 101 0.93 -0.96 -5.70
N GLU C 102 2.20 -1.33 -5.80
CA GLU C 102 2.93 -1.28 -7.07
C GLU C 102 2.14 -1.99 -8.16
N TYR C 103 1.93 -3.29 -7.97
CA TYR C 103 1.19 -4.07 -8.95
C TYR C 103 -0.27 -4.15 -8.52
N ILE C 104 -1.16 -3.55 -9.30
CA ILE C 104 -2.58 -3.54 -8.99
C ILE C 104 -3.04 -4.99 -8.83
N PHE C 105 -2.92 -5.75 -9.91
CA PHE C 105 -3.14 -7.19 -9.90
C PHE C 105 -1.91 -7.84 -10.53
N ASP C 106 -0.99 -8.33 -9.68
CA ASP C 106 0.28 -8.85 -10.17
C ASP C 106 0.09 -10.11 -11.00
N TYR C 107 -0.45 -11.16 -10.39
CA TYR C 107 -0.66 -12.43 -11.08
C TYR C 107 -2.14 -12.80 -11.03
N TRP C 108 -2.57 -13.59 -12.01
CA TRP C 108 -3.97 -13.93 -12.16
C TRP C 108 -4.09 -15.44 -12.23
N GLY C 109 -5.29 -15.92 -12.55
CA GLY C 109 -5.53 -17.34 -12.70
C GLY C 109 -6.30 -17.59 -13.98
N GLN C 110 -6.41 -18.87 -14.36
CA GLN C 110 -7.10 -19.26 -15.57
C GLN C 110 -8.55 -18.80 -15.56
N GLY C 111 -9.19 -18.85 -14.40
CA GLY C 111 -10.54 -18.38 -14.24
C GLY C 111 -11.57 -19.47 -14.44
N THR C 112 -12.66 -19.36 -13.69
CA THR C 112 -13.78 -20.28 -13.79
C THR C 112 -15.06 -19.48 -14.01
N LEU C 113 -15.90 -19.96 -14.93
CA LEU C 113 -17.13 -19.27 -15.30
C LEU C 113 -18.33 -20.03 -14.74
N VAL C 114 -19.35 -19.28 -14.33
CA VAL C 114 -20.57 -19.84 -13.74
C VAL C 114 -21.76 -19.05 -14.28
N ALA C 115 -22.85 -19.76 -14.54
CA ALA C 115 -24.08 -19.16 -15.03
C ALA C 115 -25.27 -19.74 -14.27
N VAL C 116 -26.37 -18.97 -14.25
CA VAL C 116 -27.55 -19.39 -13.52
C VAL C 116 -28.16 -20.61 -14.19
N SER C 117 -28.76 -21.48 -13.38
CA SER C 117 -29.34 -22.74 -13.85
C SER C 117 -30.86 -22.73 -13.84
N SER C 118 -31.47 -21.55 -13.89
CA SER C 118 -32.93 -21.44 -13.88
C SER C 118 -33.54 -22.03 -15.16
#